data_2VH3
#
_entry.id   2VH3
#
_cell.length_a   40.990
_cell.length_b   59.670
_cell.length_c   44.900
_cell.angle_alpha   90.00
_cell.angle_beta   93.31
_cell.angle_gamma   90.00
#
_symmetry.space_group_name_H-M   'P 1 21 1'
#
loop_
_entity.id
_entity.type
_entity.pdbx_description
1 polymer RANASMURFIN
2 polymer RANASMURFIN
3 non-polymer 'ZINC ION'
4 non-polymer 'SULFATE ION'
5 non-polymer GLYCEROL
6 water water
#
loop_
_entity_poly.entity_id
_entity_poly.type
_entity_poly.pdbx_seq_one_letter_code
_entity_poly.pdbx_strand_id
1 'polypeptide(L)'
;A(DAH)ACSFPPSEIPGSKECLAEALQKHQGFKKKSYALICAYLNYKEDAENYERAAEDFDSAVKCTGCKEGVDLHEGNP
ELIEEGFEKFLASLKIDRKALGSLCTLFQKL(TY2)AIPHN
;
A
2 'polypeptide(L)'
;A(DAH)ACSFPP(FGL)EIPGSKECLAEALQKHQGFKKKSYALICAYLNYKEDAENYERAAEDFDSAVKCTG(CSO)KEG
VDLHEGNPELIEEGFEKFLASLKIDRKALGSLCTLFQKLYAIPHN
;
B
#
# COMPACT_ATOMS: atom_id res chain seq x y z
N ALA A 1 4.70 16.24 2.55
CA ALA A 1 6.14 16.46 2.31
C ALA A 1 6.73 15.38 1.41
N ALA A 3 10.98 14.33 0.66
CA ALA A 3 12.41 14.54 0.54
C ALA A 3 12.86 13.96 -0.80
N CYS A 4 13.27 14.82 -1.72
CA CYS A 4 13.64 14.39 -3.07
C CYS A 4 14.64 13.23 -3.03
N SER A 5 14.27 12.12 -3.65
CA SER A 5 15.04 10.88 -3.65
C SER A 5 15.57 10.50 -5.03
N PHE A 6 15.19 11.28 -6.04
CA PHE A 6 15.60 11.07 -7.43
C PHE A 6 15.91 12.42 -8.05
N PRO A 7 16.71 12.43 -9.11
CA PRO A 7 17.08 13.69 -9.73
C PRO A 7 15.97 14.28 -10.60
N PRO A 8 16.02 15.60 -10.83
CA PRO A 8 15.09 16.26 -11.71
C PRO A 8 15.25 15.83 -13.17
N SER A 9 14.16 16.02 -13.92
CA SER A 9 14.04 15.55 -15.29
C SER A 9 14.99 16.24 -16.26
N GLU A 10 15.46 15.47 -17.23
CA GLU A 10 16.22 15.99 -18.35
C GLU A 10 15.31 16.66 -19.40
N ILE A 11 14.00 16.44 -19.29
CA ILE A 11 13.01 16.94 -20.26
C ILE A 11 11.88 17.71 -19.57
N PRO A 12 12.24 18.75 -18.79
CA PRO A 12 11.23 19.46 -17.98
C PRO A 12 10.15 20.14 -18.81
N GLY A 13 10.47 20.52 -20.05
CA GLY A 13 9.48 21.11 -20.94
C GLY A 13 8.55 20.13 -21.64
N SER A 14 8.82 18.83 -21.55
CA SER A 14 8.07 17.82 -22.30
C SER A 14 6.72 17.49 -21.68
N LYS A 15 5.74 17.26 -22.55
CA LYS A 15 4.44 16.71 -22.14
C LYS A 15 4.58 15.30 -21.56
N GLU A 16 5.70 14.62 -21.85
CA GLU A 16 5.97 13.29 -21.30
C GLU A 16 6.78 13.31 -20.00
N CYS A 17 7.11 14.48 -19.49
CA CYS A 17 8.03 14.61 -18.37
C CYS A 17 7.59 13.82 -17.12
N LEU A 18 6.33 13.94 -16.74
CA LEU A 18 5.83 13.25 -15.53
C LEU A 18 5.71 11.74 -15.75
N ALA A 19 5.22 11.34 -16.93
CA ALA A 19 5.14 9.91 -17.25
C ALA A 19 6.53 9.27 -17.29
N GLU A 20 7.51 10.00 -17.80
CA GLU A 20 8.89 9.54 -17.82
C GLU A 20 9.49 9.47 -16.40
N ALA A 21 9.16 10.43 -15.55
CA ALA A 21 9.65 10.39 -14.17
C ALA A 21 9.08 9.18 -13.44
N LEU A 22 7.81 8.88 -13.74
CA LEU A 22 7.12 7.72 -13.15
C LEU A 22 7.79 6.42 -13.61
N GLN A 23 8.13 6.37 -14.90
CA GLN A 23 8.78 5.19 -15.46
C GLN A 23 10.14 4.93 -14.81
N LYS A 24 10.89 6.01 -14.61
CA LYS A 24 12.29 5.90 -14.22
C LYS A 24 12.54 5.83 -12.73
N HIS A 25 11.64 6.41 -11.92
CA HIS A 25 11.98 6.65 -10.52
C HIS A 25 11.00 6.01 -9.55
N GLN A 26 11.51 5.07 -8.77
CA GLN A 26 10.70 4.34 -7.80
C GLN A 26 10.04 5.27 -6.78
N GLY A 27 10.75 6.31 -6.35
CA GLY A 27 10.20 7.24 -5.37
C GLY A 27 8.96 7.95 -5.88
N PHE A 28 8.95 8.27 -7.17
CA PHE A 28 7.77 8.90 -7.79
C PHE A 28 6.64 7.89 -7.96
N LYS A 29 6.96 6.64 -8.27
CA LYS A 29 5.97 5.57 -8.28
C LYS A 29 5.37 5.43 -6.88
N LYS A 30 6.23 5.43 -5.86
CA LYS A 30 5.75 5.29 -4.48
C LYS A 30 4.70 6.35 -4.16
N LYS A 31 4.99 7.62 -4.40
CA LYS A 31 4.06 8.67 -4.07
C LYS A 31 2.84 8.65 -4.99
N SER A 32 3.01 8.27 -6.25
CA SER A 32 1.91 8.17 -7.19
C SER A 32 0.95 7.04 -6.83
N TYR A 33 1.50 5.87 -6.50
CA TYR A 33 0.65 4.73 -6.18
C TYR A 33 0.01 4.93 -4.80
N ALA A 34 0.73 5.56 -3.88
CA ALA A 34 0.11 5.92 -2.59
C ALA A 34 -1.09 6.84 -2.82
N LEU A 35 -0.97 7.83 -3.72
CA LEU A 35 -2.07 8.71 -4.07
C LEU A 35 -3.26 7.92 -4.60
N ILE A 36 -2.99 6.94 -5.45
CA ILE A 36 -4.03 6.10 -5.99
C ILE A 36 -4.79 5.37 -4.88
N CYS A 37 -4.05 4.75 -3.97
CA CYS A 37 -4.69 4.08 -2.83
C CYS A 37 -5.55 5.05 -2.04
N ALA A 38 -5.01 6.23 -1.77
CA ALA A 38 -5.75 7.22 -0.98
C ALA A 38 -7.00 7.67 -1.71
N TYR A 39 -6.92 7.86 -3.03
CA TYR A 39 -8.08 8.21 -3.85
C TYR A 39 -9.16 7.14 -3.77
N LEU A 40 -8.76 5.89 -3.87
CA LEU A 40 -9.72 4.79 -3.86
C LEU A 40 -10.52 4.79 -2.56
N ASN A 41 -9.92 5.29 -1.47
CA ASN A 41 -10.59 5.40 -0.17
C ASN A 41 -11.02 6.79 0.24
N TYR A 42 -11.07 7.70 -0.73
CA TYR A 42 -11.39 9.09 -0.46
C TYR A 42 -12.69 9.25 0.33
N LYS A 43 -13.72 8.50 -0.06
CA LYS A 43 -15.05 8.72 0.53
C LYS A 43 -15.12 8.39 2.02
N GLU A 44 -14.16 7.63 2.52
CA GLU A 44 -14.06 7.37 3.95
C GLU A 44 -12.93 8.10 4.69
N ASP A 45 -12.01 8.72 3.97
CA ASP A 45 -10.91 9.45 4.59
C ASP A 45 -10.33 10.48 3.63
N ALA A 46 -10.91 11.68 3.67
CA ALA A 46 -10.47 12.79 2.85
C ALA A 46 -9.15 13.38 3.35
N GLU A 47 -8.87 13.33 4.65
CA GLU A 47 -7.64 13.90 5.19
C GLU A 47 -6.44 13.10 4.69
N ASN A 48 -6.56 11.79 4.66
CA ASN A 48 -5.46 10.95 4.18
C ASN A 48 -5.19 11.31 2.71
N TYR A 49 -6.23 11.47 1.90
CA TYR A 49 -6.08 11.90 0.49
C TYR A 49 -5.38 13.25 0.40
N GLU A 50 -5.80 14.21 1.22
CA GLU A 50 -5.22 15.53 1.20
C GLU A 50 -3.73 15.44 1.49
N ARG A 51 -3.34 14.63 2.48
CA ARG A 51 -1.93 14.44 2.82
CA ARG A 51 -1.93 14.44 2.82
C ARG A 51 -1.18 13.78 1.68
N ALA A 52 -1.73 12.70 1.14
CA ALA A 52 -1.08 12.00 0.01
C ALA A 52 -0.94 12.92 -1.20
N ALA A 53 -1.91 13.79 -1.41
CA ALA A 53 -1.89 14.73 -2.55
C ALA A 53 -0.79 15.77 -2.32
N GLU A 54 -0.64 16.25 -1.09
CA GLU A 54 0.41 17.21 -0.77
C GLU A 54 1.77 16.55 -0.94
N ASP A 55 1.86 15.28 -0.54
CA ASP A 55 3.10 14.54 -0.70
C ASP A 55 3.43 14.39 -2.18
N PHE A 56 2.42 14.07 -2.98
CA PHE A 56 2.57 13.94 -4.43
C PHE A 56 3.00 15.26 -5.04
N ASP A 57 2.37 16.36 -4.63
CA ASP A 57 2.71 17.70 -5.11
C ASP A 57 4.20 17.98 -4.87
N SER A 58 4.68 17.59 -3.69
CA SER A 58 6.09 17.79 -3.32
CA SER A 58 6.08 17.76 -3.29
C SER A 58 6.98 16.93 -4.20
N ALA A 59 6.60 15.69 -4.44
CA ALA A 59 7.35 14.81 -5.34
C ALA A 59 7.38 15.36 -6.78
N VAL A 60 6.29 15.99 -7.22
CA VAL A 60 6.23 16.62 -8.53
C VAL A 60 7.25 17.76 -8.60
N LYS A 61 7.41 18.53 -7.53
CA LYS A 61 8.43 19.57 -7.47
C LYS A 61 9.83 18.96 -7.64
N CYS A 62 10.06 17.80 -7.03
CA CYS A 62 11.35 17.12 -7.19
C CYS A 62 11.64 16.75 -8.64
N THR A 63 10.62 16.46 -9.43
CA THR A 63 10.84 16.08 -10.83
C THR A 63 11.35 17.25 -11.65
N GLY A 64 10.99 18.47 -11.29
CA GLY A 64 11.31 19.65 -12.09
C GLY A 64 10.46 19.82 -13.32
N CYS A 65 9.50 18.92 -13.55
CA CYS A 65 8.63 19.01 -14.70
C CYS A 65 7.85 20.32 -14.64
N LYS A 66 7.73 20.97 -15.78
CA LYS A 66 6.98 22.22 -15.87
C LYS A 66 5.49 21.99 -15.86
N GLU A 67 5.02 20.88 -16.44
CA GLU A 67 3.58 20.59 -16.50
C GLU A 67 2.98 20.56 -15.11
N GLY A 68 1.80 21.14 -14.99
CA GLY A 68 1.08 21.19 -13.73
C GLY A 68 0.05 20.08 -13.59
N VAL A 69 -0.04 19.53 -12.38
CA VAL A 69 -1.15 18.64 -12.01
C VAL A 69 -1.80 19.15 -10.74
N ASP A 70 -2.84 19.96 -10.92
CA ASP A 70 -3.57 20.51 -9.80
C ASP A 70 -4.60 19.47 -9.36
N LEU A 71 -4.36 18.85 -8.21
CA LEU A 71 -5.23 17.81 -7.70
C LEU A 71 -6.47 18.38 -7.03
N HIS A 72 -6.47 19.68 -6.75
CA HIS A 72 -7.58 20.32 -6.07
C HIS A 72 -7.96 19.50 -4.83
N GLU A 73 -6.94 19.06 -4.09
CA GLU A 73 -7.16 18.00 -3.12
C GLU A 73 -8.02 18.40 -1.93
N GLY A 74 -8.19 19.69 -1.70
CA GLY A 74 -9.04 20.19 -0.64
C GLY A 74 -10.45 20.56 -1.07
N ASN A 75 -10.80 20.31 -2.34
CA ASN A 75 -12.05 20.77 -2.93
C ASN A 75 -12.82 19.55 -3.41
N PRO A 76 -13.73 19.03 -2.60
CA PRO A 76 -14.51 17.84 -2.97
C PRO A 76 -15.12 17.86 -4.37
N GLU A 77 -15.59 19.01 -4.80
CA GLU A 77 -16.28 19.10 -6.09
C GLU A 77 -15.31 18.89 -7.26
N LEU A 78 -14.01 19.11 -6.96
CA LEU A 78 -12.98 19.03 -8.02
C LEU A 78 -11.99 17.87 -7.87
N ILE A 79 -12.18 17.03 -6.85
CA ILE A 79 -11.25 15.92 -6.61
C ILE A 79 -11.18 15.00 -7.82
N GLU A 80 -12.35 14.73 -8.39
CA GLU A 80 -12.42 13.80 -9.49
C GLU A 80 -11.67 14.35 -10.68
N GLU A 81 -11.92 15.61 -11.03
CA GLU A 81 -11.24 16.22 -12.18
C GLU A 81 -9.74 16.31 -11.94
N GLY A 82 -9.32 16.59 -10.70
CA GLY A 82 -7.90 16.66 -10.37
C GLY A 82 -7.24 15.31 -10.52
N PHE A 83 -7.91 14.26 -10.08
CA PHE A 83 -7.36 12.92 -10.19
C PHE A 83 -7.33 12.46 -11.65
N GLU A 84 -8.33 12.84 -12.43
CA GLU A 84 -8.30 12.50 -13.86
C GLU A 84 -7.16 13.21 -14.55
N LYS A 85 -6.83 14.43 -14.12
CA LYS A 85 -5.66 15.14 -14.65
C LYS A 85 -4.36 14.40 -14.30
N PHE A 86 -4.28 13.93 -13.07
CA PHE A 86 -3.20 13.05 -12.65
C PHE A 86 -3.06 11.83 -13.58
N LEU A 87 -4.15 11.15 -13.85
CA LEU A 87 -4.11 9.95 -14.68
C LEU A 87 -3.68 10.27 -16.11
N ALA A 88 -4.18 11.40 -16.63
CA ALA A 88 -3.89 11.81 -18.00
C ALA A 88 -2.43 12.18 -18.11
N SER A 89 -1.96 12.93 -17.12
CA SER A 89 -0.59 13.45 -17.14
C SER A 89 0.47 12.38 -16.97
N LEU A 90 0.20 11.39 -16.15
CA LEU A 90 1.15 10.29 -15.92
C LEU A 90 0.90 9.10 -16.87
N LYS A 91 -0.12 9.21 -17.71
CA LYS A 91 -0.50 8.18 -18.69
C LYS A 91 -0.87 6.85 -18.02
N ILE A 92 -1.67 6.96 -16.96
CA ILE A 92 -2.16 5.82 -16.23
C ILE A 92 -3.57 5.48 -16.67
N ASP A 93 -3.78 4.24 -17.05
CA ASP A 93 -5.11 3.76 -17.41
C ASP A 93 -5.97 3.62 -16.15
N ARG A 94 -7.17 4.18 -16.17
CA ARG A 94 -8.08 4.09 -15.03
C ARG A 94 -8.43 2.64 -14.65
N LYS A 95 -8.36 1.73 -15.63
CA LYS A 95 -8.58 0.31 -15.34
C LYS A 95 -7.49 -0.27 -14.43
N ALA A 96 -6.33 0.37 -14.42
CA ALA A 96 -5.17 -0.11 -13.67
C ALA A 96 -5.08 0.37 -12.22
N LEU A 97 -6.05 1.18 -11.76
CA LEU A 97 -5.95 1.79 -10.43
C LEU A 97 -5.79 0.76 -9.31
N GLY A 98 -6.63 -0.25 -9.33
CA GLY A 98 -6.57 -1.28 -8.31
C GLY A 98 -5.22 -1.95 -8.26
N SER A 99 -4.71 -2.36 -9.42
CA SER A 99 -3.42 -3.03 -9.50
C SER A 99 -2.30 -2.15 -8.97
N LEU A 100 -2.26 -0.90 -9.41
CA LEU A 100 -1.18 0.00 -9.01
C LEU A 100 -1.19 0.28 -7.49
N CYS A 101 -2.38 0.46 -6.93
CA CYS A 101 -2.45 0.63 -5.49
C CYS A 101 -1.89 -0.59 -4.80
N THR A 102 -2.28 -1.78 -5.24
CA THR A 102 -1.76 -3.01 -4.64
C THR A 102 -0.25 -3.11 -4.71
N LEU A 103 0.36 -2.45 -5.70
CA LEU A 103 1.81 -2.43 -5.82
C LEU A 103 2.53 -1.50 -4.87
N PHE A 104 1.82 -0.60 -4.20
CA PHE A 104 2.49 0.22 -3.19
C PHE A 104 3.21 -0.65 -2.16
N GLN A 105 2.57 -1.75 -1.75
CA GLN A 105 3.19 -2.67 -0.82
C GLN A 105 4.52 -3.23 -1.35
N LYS A 106 4.60 -3.51 -2.64
CA LYS A 106 5.84 -4.07 -3.18
CA LYS A 106 5.81 -4.05 -3.24
C LYS A 106 6.90 -3.00 -3.27
N LEU A 107 6.49 -1.78 -3.56
CA LEU A 107 7.46 -0.69 -3.77
C LEU A 107 7.85 0.00 -2.46
N ALA A 109 8.71 -1.53 0.81
CA ALA A 109 9.00 -2.69 1.62
C ALA A 109 9.09 -2.39 3.11
N ILE A 110 8.43 -3.22 3.91
CA ILE A 110 8.60 -3.21 5.37
C ILE A 110 8.91 -4.64 5.81
N PRO A 111 9.69 -4.79 6.89
CA PRO A 111 10.41 -3.75 7.62
C PRO A 111 11.56 -3.15 6.83
N HIS A 112 12.07 -2.00 7.29
CA HIS A 112 13.28 -1.41 6.71
C HIS A 112 14.06 -0.61 7.74
N ALA B 1 11.12 -10.77 8.32
CA ALA B 1 11.53 -10.22 9.65
C ALA B 1 10.40 -9.40 10.28
N ALA B 3 10.50 -7.24 14.16
CA ALA B 3 10.82 -6.92 15.54
C ALA B 3 9.50 -6.65 16.26
N CYS B 4 9.22 -7.37 17.34
CA CYS B 4 7.93 -7.21 18.01
C CYS B 4 7.72 -5.78 18.50
N SER B 5 6.64 -5.14 18.06
CA SER B 5 6.34 -3.76 18.42
C SER B 5 5.21 -3.70 19.43
N PHE B 6 4.80 -4.87 19.90
CA PHE B 6 3.65 -5.00 20.78
C PHE B 6 3.83 -6.24 21.62
N PRO B 7 3.19 -6.27 22.79
CA PRO B 7 3.38 -7.37 23.72
C PRO B 7 2.43 -8.55 23.44
N PRO B 8 2.68 -9.72 24.07
CA PRO B 8 1.82 -10.90 23.84
C PRO B 8 0.38 -10.70 24.28
N GLU B 10 -3.25 -11.21 25.92
CA GLU B 10 -3.74 -11.67 27.18
C GLU B 10 -4.84 -12.71 27.00
N ILE B 11 -5.21 -12.99 25.74
CA ILE B 11 -6.24 -13.99 25.44
C ILE B 11 -5.77 -15.04 24.43
N PRO B 12 -4.61 -15.68 24.67
CA PRO B 12 -4.01 -16.58 23.66
C PRO B 12 -4.92 -17.74 23.21
N GLY B 13 -5.80 -18.20 24.08
CA GLY B 13 -6.67 -19.32 23.74
C GLY B 13 -7.96 -18.93 23.03
N SER B 14 -8.24 -17.63 22.95
CA SER B 14 -9.51 -17.15 22.41
C SER B 14 -9.55 -17.27 20.89
N LYS B 15 -10.72 -17.60 20.35
CA LYS B 15 -10.92 -17.55 18.92
C LYS B 15 -10.81 -16.12 18.39
N GLU B 16 -10.89 -15.13 19.27
CA GLU B 16 -10.71 -13.72 18.92
C GLU B 16 -9.26 -13.21 19.08
N CYS B 17 -8.33 -14.08 19.49
CA CYS B 17 -6.97 -13.62 19.78
C CYS B 17 -6.32 -12.87 18.63
N LEU B 18 -6.34 -13.47 17.44
CA LEU B 18 -5.67 -12.89 16.28
C LEU B 18 -6.41 -11.65 15.76
N ALA B 19 -7.74 -11.73 15.72
CA ALA B 19 -8.56 -10.59 15.33
C ALA B 19 -8.34 -9.38 16.24
N GLU B 20 -8.24 -9.62 17.55
CA GLU B 20 -7.96 -8.54 18.47
C GLU B 20 -6.57 -7.96 18.35
N ALA B 21 -5.58 -8.81 18.10
CA ALA B 21 -4.22 -8.34 17.89
C ALA B 21 -4.14 -7.42 16.66
N LEU B 22 -4.87 -7.79 15.62
CA LEU B 22 -4.97 -7.02 14.38
C LEU B 22 -5.49 -5.60 14.68
N GLN B 23 -6.56 -5.54 15.46
CA GLN B 23 -7.20 -4.27 15.80
C GLN B 23 -6.34 -3.38 16.69
N LYS B 24 -5.72 -3.97 17.71
CA LYS B 24 -5.01 -3.21 18.72
C LYS B 24 -3.60 -2.78 18.38
N HIS B 25 -2.95 -3.52 17.47
CA HIS B 25 -1.52 -3.35 17.26
C HIS B 25 -1.25 -3.00 15.81
N GLN B 26 -0.94 -1.73 15.56
CA GLN B 26 -0.84 -1.24 14.17
C GLN B 26 0.21 -2.01 13.39
N GLY B 27 1.29 -2.41 14.04
CA GLY B 27 2.36 -3.14 13.37
C GLY B 27 1.91 -4.47 12.83
N PHE B 28 1.06 -5.17 13.57
CA PHE B 28 0.52 -6.46 13.14
C PHE B 28 -0.46 -6.20 12.01
N LYS B 29 -1.26 -5.15 12.11
CA LYS B 29 -2.19 -4.77 11.05
C LYS B 29 -1.42 -4.43 9.75
N LYS B 30 -0.34 -3.68 9.89
CA LYS B 30 0.48 -3.35 8.74
C LYS B 30 1.00 -4.61 8.04
N LYS B 31 1.57 -5.53 8.81
CA LYS B 31 2.07 -6.78 8.19
C LYS B 31 0.91 -7.61 7.57
N SER B 32 -0.25 -7.60 8.21
CA SER B 32 -1.39 -8.37 7.72
C SER B 32 -1.94 -7.81 6.42
N TYR B 33 -2.09 -6.49 6.39
CA TYR B 33 -2.61 -5.86 5.18
C TYR B 33 -1.56 -5.88 4.04
N ALA B 34 -0.28 -5.73 4.39
CA ALA B 34 0.82 -5.94 3.43
C ALA B 34 0.66 -7.33 2.79
N LEU B 35 0.37 -8.35 3.60
CA LEU B 35 0.21 -9.70 3.11
C LEU B 35 -0.94 -9.82 2.12
N ILE B 36 -2.05 -9.15 2.44
CA ILE B 36 -3.19 -9.14 1.53
C ILE B 36 -2.81 -8.54 0.18
N CYS B 37 -2.14 -7.40 0.19
CA CYS B 37 -1.67 -6.81 -1.07
C CYS B 37 -0.77 -7.76 -1.83
N ALA B 38 0.18 -8.37 -1.12
CA ALA B 38 1.09 -9.29 -1.78
C ALA B 38 0.35 -10.48 -2.40
N TYR B 39 -0.65 -10.98 -1.69
CA TYR B 39 -1.45 -12.07 -2.23
C TYR B 39 -2.12 -11.71 -3.55
N LEU B 40 -2.67 -10.52 -3.57
CA LEU B 40 -3.40 -10.06 -4.75
C LEU B 40 -2.52 -9.93 -6.00
N ASN B 41 -1.19 -9.89 -5.79
CA ASN B 41 -0.24 -9.88 -6.90
C ASN B 41 0.64 -11.11 -6.94
N TYR B 42 0.24 -12.16 -6.22
CA TYR B 42 1.02 -13.39 -6.17
C TYR B 42 1.40 -13.89 -7.56
N LYS B 43 0.44 -13.91 -8.49
CA LYS B 43 0.72 -14.55 -9.78
C LYS B 43 1.77 -13.84 -10.62
N GLU B 44 2.06 -12.58 -10.32
CA GLU B 44 3.14 -11.84 -10.98
C GLU B 44 4.40 -11.74 -10.12
N ASP B 45 4.30 -12.01 -8.82
CA ASP B 45 5.44 -11.85 -7.93
C ASP B 45 5.32 -12.71 -6.67
N ALA B 46 5.76 -13.95 -6.82
CA ALA B 46 5.71 -14.91 -5.74
C ALA B 46 6.73 -14.60 -4.66
N GLU B 47 7.89 -14.08 -5.04
CA GLU B 47 8.90 -13.79 -4.04
C GLU B 47 8.44 -12.70 -3.07
N ASN B 48 7.80 -11.67 -3.56
CA ASN B 48 7.25 -10.65 -2.68
C ASN B 48 6.23 -11.23 -1.71
N TYR B 49 5.40 -12.15 -2.18
CA TYR B 49 4.47 -12.81 -1.28
C TYR B 49 5.20 -13.65 -0.26
N GLU B 50 6.15 -14.43 -0.72
CA GLU B 50 6.94 -15.21 0.23
C GLU B 50 7.60 -14.36 1.33
N ARG B 51 8.11 -13.18 0.98
CA ARG B 51 8.75 -12.31 1.96
CA ARG B 51 8.75 -12.29 1.96
C ARG B 51 7.69 -11.72 2.89
N ALA B 52 6.55 -11.31 2.29
CA ALA B 52 5.50 -10.74 3.13
C ALA B 52 4.95 -11.81 4.08
N ALA B 53 4.85 -13.05 3.61
CA ALA B 53 4.38 -14.16 4.43
C ALA B 53 5.36 -14.42 5.57
N GLU B 54 6.65 -14.43 5.26
CA GLU B 54 7.68 -14.58 6.30
C GLU B 54 7.61 -13.47 7.35
N ASP B 55 7.43 -12.24 6.91
CA ASP B 55 7.28 -11.09 7.80
C ASP B 55 6.04 -11.29 8.70
N PHE B 56 4.94 -11.70 8.09
CA PHE B 56 3.71 -11.99 8.86
C PHE B 56 3.94 -13.11 9.88
N ASP B 57 4.59 -14.20 9.43
CA ASP B 57 4.96 -15.33 10.30
C ASP B 57 5.72 -14.81 11.51
N SER B 58 6.66 -13.91 11.28
CA SER B 58 7.46 -13.27 12.32
CA SER B 58 7.46 -13.31 12.36
C SER B 58 6.59 -12.50 13.31
N ALA B 59 5.72 -11.65 12.77
CA ALA B 59 4.81 -10.82 13.53
C ALA B 59 3.79 -11.63 14.33
N VAL B 60 3.30 -12.74 13.76
CA VAL B 60 2.32 -13.61 14.46
C VAL B 60 2.94 -14.18 15.75
N LYS B 61 4.24 -14.47 15.71
CA LYS B 61 4.92 -15.02 16.89
C LYS B 61 4.90 -14.04 18.04
N CYS B 62 4.85 -12.76 17.73
CA CYS B 62 4.71 -11.72 18.74
C CYS B 62 3.41 -11.85 19.52
N THR B 63 2.35 -12.30 18.87
CA THR B 63 1.02 -12.29 19.48
C THR B 63 0.87 -13.28 20.64
N GLY B 64 1.52 -14.44 20.54
CA GLY B 64 1.33 -15.52 21.49
C GLY B 64 0.03 -16.29 21.29
N LYS B 66 -2.68 -18.91 20.23
CA LYS B 66 -2.53 -20.37 20.09
C LYS B 66 -2.84 -20.86 18.68
N GLU B 67 -3.73 -20.13 17.99
CA GLU B 67 -4.21 -20.53 16.67
C GLU B 67 -3.08 -20.44 15.65
N GLY B 68 -2.79 -21.58 15.00
CA GLY B 68 -1.71 -21.65 14.03
C GLY B 68 -2.18 -21.14 12.68
N VAL B 69 -1.30 -20.43 11.97
CA VAL B 69 -1.60 -19.94 10.63
C VAL B 69 -0.44 -20.31 9.71
N ASP B 70 -0.54 -21.48 9.10
CA ASP B 70 0.46 -21.93 8.14
C ASP B 70 0.06 -21.45 6.75
N LEU B 71 0.83 -20.51 6.25
CA LEU B 71 0.55 -19.90 4.95
C LEU B 71 1.01 -20.78 3.78
N HIS B 72 1.87 -21.76 4.05
CA HIS B 72 2.42 -22.62 3.01
C HIS B 72 2.96 -21.79 1.85
N GLU B 73 3.65 -20.70 2.18
CA GLU B 73 3.88 -19.62 1.21
C GLU B 73 4.83 -19.99 0.08
N GLY B 74 5.59 -21.05 0.26
CA GLY B 74 6.47 -21.55 -0.79
C GLY B 74 5.90 -22.67 -1.64
N ASN B 75 4.61 -23.02 -1.42
CA ASN B 75 4.01 -24.20 -2.05
C ASN B 75 2.79 -23.75 -2.86
N PRO B 76 2.95 -23.57 -4.17
CA PRO B 76 1.86 -23.07 -5.02
C PRO B 76 0.52 -23.81 -4.90
N GLU B 77 0.56 -25.13 -4.71
CA GLU B 77 -0.65 -25.93 -4.53
C GLU B 77 -1.39 -25.63 -3.24
N LEU B 78 -0.70 -25.04 -2.25
CA LEU B 78 -1.32 -24.71 -0.96
C LEU B 78 -1.42 -23.22 -0.63
N ILE B 79 -1.00 -22.35 -1.54
CA ILE B 79 -1.04 -20.91 -1.31
C ILE B 79 -2.43 -20.42 -0.99
N GLU B 80 -3.39 -20.87 -1.79
CA GLU B 80 -4.78 -20.45 -1.62
C GLU B 80 -5.34 -20.92 -0.28
N GLU B 81 -5.12 -22.20 0.03
CA GLU B 81 -5.55 -22.79 1.31
C GLU B 81 -4.95 -22.04 2.49
N GLY B 82 -3.65 -21.77 2.43
CA GLY B 82 -2.97 -21.08 3.52
C GLY B 82 -3.46 -19.65 3.71
N PHE B 83 -3.73 -18.96 2.60
CA PHE B 83 -4.24 -17.60 2.65
C PHE B 83 -5.67 -17.58 3.21
N GLU B 84 -6.49 -18.54 2.79
CA GLU B 84 -7.83 -18.66 3.35
C GLU B 84 -7.79 -18.91 4.85
N LYS B 85 -6.83 -19.72 5.29
CA LYS B 85 -6.60 -19.99 6.73
C LYS B 85 -6.30 -18.71 7.49
N PHE B 86 -5.44 -17.90 6.92
CA PHE B 86 -5.13 -16.58 7.44
C PHE B 86 -6.40 -15.73 7.57
N LEU B 87 -7.21 -15.70 6.51
CA LEU B 87 -8.44 -14.88 6.54
C LEU B 87 -9.41 -15.37 7.60
N ALA B 88 -9.56 -16.69 7.70
CA ALA B 88 -10.48 -17.29 8.67
C ALA B 88 -9.99 -16.99 10.09
N SER B 89 -8.71 -17.23 10.31
CA SER B 89 -8.09 -17.10 11.64
C SER B 89 -8.13 -15.68 12.17
N LEU B 90 -8.01 -14.69 11.29
CA LEU B 90 -8.00 -13.29 11.69
C LEU B 90 -9.42 -12.68 11.62
N LYS B 91 -10.39 -13.48 11.18
CA LYS B 91 -11.81 -13.08 11.10
C LYS B 91 -12.00 -11.89 10.19
N ILE B 92 -11.28 -11.92 9.07
CA ILE B 92 -11.31 -10.86 8.11
C ILE B 92 -12.53 -11.00 7.21
N ASP B 93 -13.17 -9.88 6.88
CA ASP B 93 -14.29 -9.91 5.93
C ASP B 93 -13.70 -10.21 4.56
N ARG B 94 -13.98 -11.41 4.07
CA ARG B 94 -13.34 -11.89 2.85
C ARG B 94 -13.88 -11.23 1.59
N LYS B 95 -14.97 -10.47 1.70
CA LYS B 95 -15.46 -9.67 0.58
C LYS B 95 -14.83 -8.28 0.55
N ALA B 96 -13.97 -7.99 1.53
CA ALA B 96 -13.39 -6.67 1.68
C ALA B 96 -11.88 -6.64 1.45
N LEU B 97 -11.30 -7.69 0.86
CA LEU B 97 -9.84 -7.80 0.81
C LEU B 97 -9.20 -6.69 -0.01
N GLY B 98 -9.85 -6.34 -1.11
CA GLY B 98 -9.38 -5.24 -1.93
C GLY B 98 -9.26 -3.97 -1.11
N SER B 99 -10.31 -3.65 -0.37
CA SER B 99 -10.30 -2.45 0.45
C SER B 99 -9.19 -2.50 1.49
N LEU B 100 -9.01 -3.65 2.14
CA LEU B 100 -8.01 -3.72 3.19
C LEU B 100 -6.60 -3.51 2.61
N CYS B 101 -6.34 -4.07 1.43
CA CYS B 101 -5.05 -3.81 0.80
C CYS B 101 -4.90 -2.32 0.53
N THR B 102 -5.94 -1.66 0.03
CA THR B 102 -5.83 -0.23 -0.23
C THR B 102 -5.54 0.58 1.04
N LEU B 103 -5.90 0.05 2.22
CA LEU B 103 -5.64 0.72 3.49
C LEU B 103 -4.23 0.57 3.99
N PHE B 104 -3.43 -0.29 3.37
CA PHE B 104 -2.04 -0.37 3.75
C PHE B 104 -1.39 1.01 3.60
N GLN B 105 -1.71 1.75 2.54
CA GLN B 105 -1.20 3.09 2.37
C GLN B 105 -1.53 4.00 3.58
N LYS B 106 -2.73 3.90 4.11
CA LYS B 106 -3.14 4.72 5.24
C LYS B 106 -2.41 4.27 6.49
N LEU B 107 -2.22 2.96 6.60
CA LEU B 107 -1.55 2.38 7.79
C LEU B 107 -0.04 2.50 7.76
N TYR B 108 0.54 2.68 6.58
CA TYR B 108 1.98 2.86 6.43
C TYR B 108 2.26 4.15 5.65
N ALA B 109 1.91 5.26 6.28
CA ALA B 109 2.05 6.57 5.67
C ALA B 109 3.51 6.91 5.37
N ILE B 110 3.73 7.58 4.24
CA ILE B 110 5.03 8.13 3.89
C ILE B 110 4.86 9.61 3.52
N PRO B 111 5.84 10.46 3.86
CA PRO B 111 6.98 10.13 4.70
C PRO B 111 6.54 9.90 6.15
N HIS B 112 7.43 9.34 6.95
CA HIS B 112 7.16 9.16 8.38
C HIS B 112 8.43 9.37 9.14
N ASN B 113 8.33 9.32 10.46
CA ASN B 113 9.48 9.55 11.32
C ASN B 113 10.03 8.28 11.95
#